data_1VYQ
#
_entry.id   1VYQ
#
_cell.length_a   62.830
_cell.length_b   62.830
_cell.length_c   121.527
_cell.angle_alpha   90.00
_cell.angle_beta   90.00
_cell.angle_gamma   90.00
#
_symmetry.space_group_name_H-M   'P 41'
#
loop_
_entity.id
_entity.type
_entity.pdbx_description
1 polymer "DEOXYURIDINE 5'-TRIPHOSPHATE NUCLEOTIDOHYDROLASE"
2 non-polymer 2,3-DEOXY-3-FLUORO-5-O-TRITYLURIDINE
3 water water
#
_entity_poly.entity_id   1
_entity_poly.type   'polypeptide(L)'
_entity_poly.pdbx_seq_one_letter_code
;MHLKIVCLSDEVREMYKNHKTHHEGDSGLDLFIVKDEVLKPKSTTFVKLGIKAIALQYKSNYYYKCEKSENKKKDDDKSN
IVNTSFLLFPRSSISKTPLRLANSIGLIDAGYRGEIIAALDNTSDQEYHIKKNDKLVQLVSFTGEPLSFELVEELDETSR
GEGGFGSTSNNKY
;
_entity_poly.pdbx_strand_id   A,B,C
#
loop_
_chem_comp.id
_chem_comp.type
_chem_comp.name
_chem_comp.formula
DUX non-polymer 2,3-DEOXY-3-FLUORO-5-O-TRITYLURIDINE 'C28 H25 F N2 O4'
#
# COMPACT_ATOMS: atom_id res chain seq x y z
N MET A 1 -15.08 -10.12 -2.15
CA MET A 1 -15.66 -8.98 -1.40
C MET A 1 -16.71 -8.29 -2.27
N HIS A 2 -17.73 -7.72 -1.62
CA HIS A 2 -18.83 -7.13 -2.34
C HIS A 2 -19.04 -5.70 -1.84
N LEU A 3 -19.16 -4.78 -2.79
CA LEU A 3 -19.30 -3.37 -2.53
C LEU A 3 -20.72 -2.99 -2.85
N LYS A 4 -21.37 -2.28 -1.94
CA LYS A 4 -22.63 -1.64 -2.27
C LYS A 4 -22.29 -0.20 -2.40
N ILE A 5 -22.76 0.43 -3.46
CA ILE A 5 -22.30 1.73 -3.83
C ILE A 5 -23.45 2.66 -4.21
N VAL A 6 -23.41 3.86 -3.63
CA VAL A 6 -24.34 4.94 -3.90
C VAL A 6 -23.63 5.94 -4.75
N CYS A 7 -24.16 6.17 -5.95
CA CYS A 7 -23.66 7.18 -6.87
C CYS A 7 -24.39 8.51 -6.59
N LEU A 8 -23.66 9.59 -6.54
CA LEU A 8 -24.20 10.80 -5.95
C LEU A 8 -24.81 11.69 -7.01
N SER A 9 -24.91 11.20 -8.24
CA SER A 9 -25.64 11.90 -9.28
C SER A 9 -25.95 10.93 -10.35
N ASP A 10 -26.78 11.36 -11.31
CA ASP A 10 -27.24 10.52 -12.40
C ASP A 10 -26.16 10.34 -13.46
N GLU A 11 -25.40 11.37 -13.79
CA GLU A 11 -24.20 11.22 -14.59
C GLU A 11 -23.37 10.01 -14.04
N VAL A 12 -23.01 10.06 -12.74
CA VAL A 12 -22.11 9.07 -12.12
C VAL A 12 -22.72 7.70 -12.12
N ARG A 13 -24.00 7.61 -11.81
CA ARG A 13 -24.71 6.34 -11.87
C ARG A 13 -24.65 5.75 -13.29
N GLU A 14 -24.84 6.58 -14.31
CA GLU A 14 -24.55 6.21 -15.72
C GLU A 14 -23.18 5.55 -15.91
N MET A 15 -22.12 6.22 -15.44
CA MET A 15 -20.79 5.69 -15.62
C MET A 15 -20.70 4.30 -15.03
N TYR A 16 -21.28 4.09 -13.84
CA TYR A 16 -21.11 2.82 -13.12
C TYR A 16 -22.03 1.70 -13.66
N LYS A 17 -23.23 2.04 -14.16
CA LYS A 17 -24.13 1.03 -14.73
C LYS A 17 -23.45 0.47 -15.98
N ASN A 18 -22.87 1.37 -16.78
CA ASN A 18 -22.15 0.94 -18.00
C ASN A 18 -20.65 0.80 -17.81
N HIS A 19 -20.24 0.22 -16.68
CA HIS A 19 -18.84 0.17 -16.32
C HIS A 19 -18.11 -0.89 -17.14
N LYS A 20 -17.47 -0.43 -18.23
CA LYS A 20 -16.84 -1.29 -19.25
C LYS A 20 -15.37 -1.72 -19.04
N THR A 21 -14.80 -1.50 -17.84
CA THR A 21 -13.47 -2.00 -17.46
C THR A 21 -13.43 -2.84 -16.14
N HIS A 22 -14.57 -3.34 -15.67
CA HIS A 22 -14.61 -4.23 -14.51
C HIS A 22 -15.17 -5.62 -14.90
N HIS A 23 -14.29 -6.62 -14.88
CA HIS A 23 -14.64 -7.97 -15.30
C HIS A 23 -14.65 -8.93 -14.08
N GLU A 24 -14.98 -10.20 -14.29
N ASP A 26 -12.04 -9.26 -11.29
CA ASP A 26 -11.03 -8.23 -11.01
C ASP A 26 -10.79 -8.10 -9.51
N SER A 27 -9.52 -7.94 -9.14
CA SER A 27 -9.17 -7.80 -7.74
C SER A 27 -9.31 -6.34 -7.33
N GLY A 28 -9.48 -5.46 -8.31
CA GLY A 28 -9.67 -4.04 -8.06
C GLY A 28 -10.89 -3.52 -8.78
N LEU A 29 -11.43 -2.38 -8.36
CA LEU A 29 -12.56 -1.79 -9.00
C LEU A 29 -12.22 -0.35 -9.34
N ASP A 30 -12.18 -0.08 -10.64
CA ASP A 30 -11.77 1.21 -11.15
C ASP A 30 -12.83 2.19 -10.76
N LEU A 31 -12.42 3.29 -10.16
CA LEU A 31 -13.33 4.39 -9.96
C LEU A 31 -13.03 5.48 -10.97
N PHE A 32 -14.07 6.16 -11.42
CA PHE A 32 -13.97 7.27 -12.38
C PHE A 32 -13.82 8.62 -11.70
N ILE A 33 -12.93 9.44 -12.24
CA ILE A 33 -13.03 10.91 -12.13
C ILE A 33 -14.37 11.39 -12.70
N VAL A 34 -14.99 12.28 -11.96
CA VAL A 34 -16.40 12.56 -12.12
C VAL A 34 -16.67 13.89 -12.83
N LYS A 35 -15.76 14.82 -12.71
CA LYS A 35 -15.84 16.05 -13.47
C LYS A 35 -14.44 16.60 -13.64
N ASP A 36 -14.28 17.39 -14.71
CA ASP A 36 -12.99 17.99 -15.07
C ASP A 36 -12.53 18.89 -13.94
N GLU A 37 -11.23 18.85 -13.67
CA GLU A 37 -10.56 19.68 -12.67
C GLU A 37 -9.16 20.05 -13.21
N VAL A 38 -8.68 21.25 -12.86
CA VAL A 38 -7.29 21.62 -13.07
C VAL A 38 -6.60 21.49 -11.73
N LEU A 39 -5.51 20.77 -11.67
CA LEU A 39 -4.87 20.60 -10.41
C LEU A 39 -3.70 21.54 -10.42
N LYS A 40 -3.59 22.37 -9.38
CA LYS A 40 -2.53 23.36 -9.26
C LYS A 40 -1.23 22.57 -9.21
N PRO A 41 -0.12 23.18 -9.61
CA PRO A 41 1.18 22.53 -9.55
C PRO A 41 1.74 22.46 -8.13
N LYS A 42 2.51 21.41 -7.86
CA LYS A 42 3.11 21.18 -6.55
C LYS A 42 2.11 21.40 -5.41
N SER A 43 0.90 20.89 -5.59
CA SER A 43 -0.16 21.00 -4.61
C SER A 43 -0.68 19.61 -4.25
N THR A 44 -1.48 19.53 -3.19
CA THR A 44 -2.37 18.38 -3.03
C THR A 44 -3.82 18.78 -3.05
N THR A 45 -4.60 18.05 -3.81
CA THR A 45 -6.00 18.31 -4.05
C THR A 45 -6.85 17.10 -3.68
N PHE A 46 -7.94 17.34 -2.95
CA PHE A 46 -8.80 16.27 -2.51
C PHE A 46 -9.89 16.18 -3.54
N VAL A 47 -9.76 15.16 -4.38
CA VAL A 47 -10.69 14.92 -5.45
C VAL A 47 -11.85 13.98 -5.02
N LYS A 48 -13.05 14.52 -4.98
CA LYS A 48 -14.26 13.76 -4.72
C LYS A 48 -14.69 12.83 -5.88
N LEU A 49 -14.97 11.57 -5.59
CA LEU A 49 -15.25 10.56 -6.62
C LEU A 49 -16.73 10.26 -6.88
N GLY A 50 -17.64 10.96 -6.20
CA GLY A 50 -19.05 10.90 -6.54
C GLY A 50 -19.78 9.70 -6.02
N ILE A 51 -19.25 9.07 -4.99
CA ILE A 51 -19.84 7.82 -4.50
C ILE A 51 -19.58 7.57 -3.05
N LYS A 52 -20.54 6.95 -2.37
CA LYS A 52 -20.38 6.35 -1.06
C LYS A 52 -20.29 4.86 -1.29
N ALA A 53 -19.57 4.16 -0.46
CA ALA A 53 -19.38 2.75 -0.71
C ALA A 53 -19.09 2.01 0.56
N ILE A 54 -19.85 0.95 0.75
CA ILE A 54 -19.65 0.00 1.84
C ILE A 54 -19.12 -1.34 1.23
N ALA A 55 -18.26 -2.03 1.98
CA ALA A 55 -17.64 -3.29 1.62
C ALA A 55 -18.04 -4.41 2.61
N LEU A 56 -18.35 -5.58 2.04
CA LEU A 56 -18.89 -6.71 2.75
C LEU A 56 -18.07 -7.97 2.48
N GLN A 57 -17.78 -8.69 3.57
CA GLN A 57 -17.00 -9.94 3.57
C GLN A 57 -17.57 -10.90 4.58
N TYR A 58 -17.46 -12.20 4.32
CA TYR A 58 -17.76 -13.21 5.35
C TYR A 58 -16.95 -12.92 6.59
N LYS A 59 -17.58 -13.00 7.76
CA LYS A 59 -16.86 -13.01 9.04
C LYS A 59 -15.72 -14.04 8.99
N SER A 60 -14.54 -13.58 9.39
CA SER A 60 -13.42 -14.47 9.70
C SER A 60 -13.37 -14.49 11.22
N ASN A 61 -12.48 -15.30 11.77
CA ASN A 61 -12.10 -15.20 13.19
C ASN A 61 -10.70 -14.59 13.21
N TYR A 62 -10.58 -13.38 13.80
CA TYR A 62 -9.29 -12.71 14.02
C TYR A 62 -8.86 -12.94 15.48
N TYR A 63 -7.69 -12.42 15.89
CA TYR A 63 -7.20 -12.45 17.29
C ASN A 80 -21.31 -13.04 7.55
N ILE A 81 -22.17 -12.17 7.00
CA ILE A 81 -21.67 -11.00 6.30
C ILE A 81 -21.35 -9.85 7.30
N VAL A 82 -20.15 -9.30 7.20
CA VAL A 82 -19.82 -8.10 7.96
C VAL A 82 -19.38 -6.98 7.06
N ASN A 83 -19.42 -5.81 7.67
CA ASN A 83 -18.80 -4.63 7.13
C ASN A 83 -17.32 -4.78 7.25
N THR A 84 -16.59 -4.36 6.23
CA THR A 84 -15.16 -4.46 6.24
C THR A 84 -14.46 -3.21 5.77
N SER A 85 -13.28 -3.01 6.36
CA SER A 85 -12.31 -2.02 5.93
C SER A 85 -11.86 -2.40 4.55
N PHE A 86 -11.48 -1.40 3.75
CA PHE A 86 -10.95 -1.65 2.43
C PHE A 86 -9.99 -0.55 2.05
N LEU A 87 -9.47 -0.66 0.82
CA LEU A 87 -8.29 0.08 0.41
C LEU A 87 -8.55 0.75 -0.84
N LEU A 88 -7.85 1.86 -1.00
CA LEU A 88 -7.93 2.68 -2.20
C LEU A 88 -6.52 2.78 -2.73
N PHE A 89 -6.26 2.10 -3.84
CA PHE A 89 -4.94 2.02 -4.46
C PHE A 89 -4.92 2.96 -5.62
N PRO A 90 -3.75 3.50 -5.93
CA PRO A 90 -3.52 4.04 -7.25
C PRO A 90 -3.65 2.95 -8.31
N ARG A 91 -4.11 3.34 -9.49
CA ARG A 91 -4.04 2.46 -10.67
C ARG A 91 -2.64 2.50 -11.23
N SER A 92 -2.20 1.38 -11.78
CA SER A 92 -0.87 1.28 -12.44
C SER A 92 -0.60 2.43 -13.42
N SER A 93 -1.62 2.80 -14.19
CA SER A 93 -1.48 3.80 -15.22
C SER A 93 -1.30 5.25 -14.73
N ILE A 94 -1.52 5.52 -13.43
CA ILE A 94 -1.24 6.85 -12.88
C ILE A 94 0.25 7.17 -12.97
N SER A 95 1.07 6.14 -13.09
CA SER A 95 2.53 6.30 -13.19
C SER A 95 3.00 7.13 -14.38
N LYS A 96 2.17 7.15 -15.43
CA LYS A 96 2.38 7.97 -16.65
C LYS A 96 2.10 9.45 -16.45
N THR A 97 1.68 9.80 -15.24
CA THR A 97 1.37 11.16 -14.87
C THR A 97 2.27 11.60 -13.72
N PRO A 98 2.19 12.90 -13.42
CA PRO A 98 2.83 13.47 -12.25
C PRO A 98 1.97 13.40 -10.99
N LEU A 99 0.93 12.57 -10.96
CA LEU A 99 0.02 12.50 -9.84
C LEU A 99 0.36 11.37 -8.91
N ARG A 100 0.19 11.63 -7.61
CA ARG A 100 0.50 10.64 -6.57
C ARG A 100 -0.48 10.72 -5.45
N LEU A 101 -0.83 9.55 -4.93
CA LEU A 101 -1.71 9.47 -3.78
C LEU A 101 -0.94 9.95 -2.55
N ALA A 102 -1.28 11.14 -2.06
CA ALA A 102 -0.61 11.72 -0.89
C ALA A 102 -0.44 10.75 0.30
N ASN A 103 -1.49 9.96 0.55
CA ASN A 103 -1.50 9.06 1.68
C ASN A 103 -1.04 7.64 1.33
N SER A 104 -0.37 7.49 0.15
CA SER A 104 0.11 6.21 -0.47
C SER A 104 -0.96 5.23 -0.84
N ILE A 105 -1.59 4.66 0.14
CA ILE A 105 -2.75 3.84 -0.07
C ILE A 105 -3.80 4.32 0.92
N GLY A 106 -4.99 4.63 0.40
CA GLY A 106 -6.11 4.97 1.22
C GLY A 106 -6.66 3.80 2.04
N LEU A 107 -6.85 4.05 3.33
CA LEU A 107 -7.44 3.07 4.24
C LEU A 107 -8.79 3.53 4.71
N ILE A 108 -9.80 2.83 4.31
CA ILE A 108 -11.14 3.32 4.53
C ILE A 108 -11.70 2.44 5.60
N ASP A 109 -12.01 2.99 6.76
CA ASP A 109 -12.50 2.13 7.85
C ASP A 109 -13.91 1.61 7.57
N ALA A 110 -14.24 0.52 8.22
CA ALA A 110 -15.54 -0.12 8.11
C ALA A 110 -16.71 0.82 8.39
N GLY A 111 -16.55 1.69 9.37
CA GLY A 111 -17.58 2.64 9.76
C GLY A 111 -17.82 3.79 8.79
N TYR A 112 -16.88 4.06 7.90
CA TYR A 112 -17.02 5.20 7.00
C TYR A 112 -18.18 5.03 6.02
N ARG A 113 -18.99 6.07 5.91
CA ARG A 113 -20.11 6.13 4.96
C ARG A 113 -20.10 7.37 4.05
N GLY A 114 -19.13 8.26 4.23
CA GLY A 114 -18.99 9.43 3.40
C GLY A 114 -18.54 9.17 1.96
N GLU A 115 -18.54 10.24 1.19
CA GLU A 115 -18.04 10.24 -0.15
C GLU A 115 -16.59 9.80 -0.13
N ILE A 116 -16.25 9.02 -1.13
CA ILE A 116 -14.90 8.58 -1.31
C ILE A 116 -14.14 9.66 -2.04
N ILE A 117 -12.89 9.89 -1.61
CA ILE A 117 -12.07 11.02 -2.00
C ILE A 117 -10.65 10.53 -2.19
N ALA A 118 -9.98 11.00 -3.21
CA ALA A 118 -8.59 10.70 -3.40
C ALA A 118 -7.76 11.97 -3.16
N ALA A 119 -6.72 11.87 -2.33
CA ALA A 119 -5.82 13.00 -2.12
C ALA A 119 -4.69 12.93 -3.11
N LEU A 120 -4.81 13.64 -4.20
CA LEU A 120 -3.80 13.67 -5.22
C LEU A 120 -2.79 14.82 -5.13
N ASP A 121 -1.53 14.47 -4.93
CA ASP A 121 -0.38 15.35 -5.12
C ASP A 121 -0.12 15.50 -6.61
N ASN A 122 -0.13 16.73 -7.13
CA ASN A 122 0.51 17.03 -8.40
C ASN A 122 1.95 17.39 -8.14
N THR A 123 2.89 16.54 -8.55
CA THR A 123 4.29 16.76 -8.23
C THR A 123 5.06 17.57 -9.28
N SER A 124 4.37 18.03 -10.33
CA SER A 124 5.00 18.78 -11.39
C SER A 124 4.89 20.31 -11.15
N ASP A 125 5.73 21.05 -11.87
CA ASP A 125 5.78 22.50 -11.81
C ASP A 125 4.64 23.14 -12.61
N GLN A 126 3.93 22.34 -13.39
CA GLN A 126 2.82 22.83 -14.17
C GLN A 126 1.50 22.21 -13.70
N GLU A 127 0.40 22.93 -13.93
CA GLU A 127 -0.96 22.44 -13.70
C GLU A 127 -1.18 21.13 -14.41
N TYR A 128 -2.13 20.32 -13.93
CA TYR A 128 -2.38 19.06 -14.59
C TYR A 128 -3.87 18.84 -14.69
N HIS A 129 -4.34 18.52 -15.90
CA HIS A 129 -5.78 18.39 -16.14
C HIS A 129 -6.25 16.93 -16.08
N ILE A 130 -7.31 16.73 -15.32
CA ILE A 130 -8.00 15.46 -15.27
C ILE A 130 -9.39 15.65 -15.79
N LYS A 131 -9.94 14.60 -16.38
CA LYS A 131 -11.18 14.65 -17.15
C LYS A 131 -12.22 13.68 -16.61
N LYS A 132 -13.48 14.02 -16.72
CA LYS A 132 -14.53 13.04 -16.48
C LYS A 132 -14.19 11.69 -17.20
N ASN A 133 -14.38 10.58 -16.51
CA ASN A 133 -14.15 9.21 -17.03
C ASN A 133 -12.69 8.70 -17.04
N ASP A 134 -11.73 9.58 -16.77
CA ASP A 134 -10.41 9.20 -16.30
C ASP A 134 -10.44 8.21 -15.12
N LYS A 135 -9.52 7.26 -15.08
CA LYS A 135 -9.52 6.24 -14.07
C LYS A 135 -8.17 6.19 -13.34
N LEU A 136 -8.03 6.94 -12.24
CA LEU A 136 -6.74 7.15 -11.61
C LEU A 136 -6.53 6.27 -10.38
N VAL A 137 -7.58 5.64 -9.93
CA VAL A 137 -7.65 5.11 -8.59
C VAL A 137 -8.56 3.85 -8.58
N GLN A 138 -8.37 2.93 -7.64
CA GLN A 138 -9.21 1.71 -7.58
C GLN A 138 -9.50 1.22 -6.15
N LEU A 139 -10.67 0.64 -5.96
CA LEU A 139 -10.98 -0.03 -4.72
C LEU A 139 -10.45 -1.48 -4.73
N VAL A 140 -9.83 -1.86 -3.61
CA VAL A 140 -9.38 -3.19 -3.40
C VAL A 140 -9.55 -3.68 -1.97
N SER A 141 -9.81 -4.98 -1.88
CA SER A 141 -9.96 -5.68 -0.62
C SER A 141 -8.59 -5.99 -0.09
N PHE A 142 -8.46 -5.92 1.23
CA PHE A 142 -7.31 -6.48 1.95
C PHE A 142 -6.96 -7.89 1.51
N THR A 143 -7.93 -8.75 1.24
CA THR A 143 -7.53 -10.12 0.77
C THR A 143 -6.97 -10.16 -0.66
N GLY A 144 -7.13 -9.12 -1.45
CA GLY A 144 -6.79 -9.19 -2.87
C GLY A 144 -7.69 -10.10 -3.68
N GLU A 145 -8.83 -10.49 -3.12
CA GLU A 145 -9.79 -11.34 -3.80
C GLU A 145 -10.57 -10.53 -4.90
N PRO A 146 -11.15 -11.25 -5.86
CA PRO A 146 -12.13 -10.66 -6.77
C PRO A 146 -13.23 -9.88 -6.04
N LEU A 147 -13.64 -8.78 -6.69
CA LEU A 147 -14.59 -7.83 -6.16
C LEU A 147 -15.89 -7.89 -6.95
N SER A 148 -17.00 -7.76 -6.24
CA SER A 148 -18.29 -7.49 -6.87
C SER A 148 -18.86 -6.17 -6.33
N PHE A 149 -19.80 -5.59 -7.07
CA PHE A 149 -20.53 -4.43 -6.59
C PHE A 149 -21.92 -4.33 -7.22
N GLU A 150 -22.87 -3.90 -6.39
CA GLU A 150 -24.12 -3.35 -6.87
C GLU A 150 -24.16 -1.86 -6.55
N LEU A 151 -24.93 -1.17 -7.39
CA LEU A 151 -25.39 0.18 -7.19
C LEU A 151 -26.66 0.14 -6.34
N VAL A 152 -26.88 1.18 -5.55
CA VAL A 152 -27.84 1.11 -4.47
C VAL A 152 -28.25 2.56 -4.16
N GLU A 153 -29.45 2.78 -3.63
CA GLU A 153 -29.98 4.15 -3.49
C GLU A 153 -29.50 4.78 -2.19
N GLU A 154 -29.18 3.94 -1.22
CA GLU A 154 -28.65 4.42 0.03
C GLU A 154 -28.11 3.28 0.86
N LEU A 155 -27.37 3.66 1.89
CA LEU A 155 -26.77 2.74 2.87
C LEU A 155 -27.59 2.70 4.15
N ASP A 156 -27.48 1.60 4.90
CA ASP A 156 -28.12 1.48 6.23
C ASP A 156 -27.25 2.40 7.07
N GLU A 157 -27.81 3.53 7.51
CA GLU A 157 -27.08 4.54 8.33
C GLU A 157 -27.88 5.09 9.51
N THR A 158 -29.11 4.59 9.73
CA THR A 158 -30.11 5.22 10.61
C THR A 158 -30.89 4.21 11.49
N SER A 159 -30.41 4.00 12.72
N MET B 1 -5.84 -9.12 14.60
CA MET B 1 -4.41 -9.14 15.03
C MET B 1 -4.20 -8.51 16.45
N HIS B 2 -3.16 -8.95 17.19
CA HIS B 2 -2.78 -8.38 18.52
C HIS B 2 -1.33 -7.91 18.57
N LEU B 3 -1.09 -6.73 19.10
CA LEU B 3 0.25 -6.15 19.17
C LEU B 3 0.78 -6.07 20.60
N LYS B 4 2.07 -6.38 20.77
CA LYS B 4 2.80 -6.32 22.03
C LYS B 4 3.82 -5.26 21.78
N ILE B 5 3.58 -4.06 22.26
CA ILE B 5 4.53 -2.98 22.16
C ILE B 5 5.39 -2.87 23.42
N VAL B 6 6.71 -2.89 23.24
CA VAL B 6 7.67 -2.42 24.23
C VAL B 6 7.98 -0.98 23.91
N CYS B 7 7.55 -0.05 24.75
CA CYS B 7 8.00 1.33 24.61
C CYS B 7 9.42 1.41 25.14
N LEU B 8 10.22 2.29 24.54
CA LEU B 8 11.66 2.34 24.79
C LEU B 8 11.99 3.47 25.73
N SER B 9 10.96 4.17 26.22
CA SER B 9 11.13 5.15 27.29
C SER B 9 9.92 5.15 28.23
N ASP B 10 9.99 5.98 29.27
CA ASP B 10 8.88 6.09 30.19
C ASP B 10 7.93 7.14 29.69
N GLU B 11 8.45 8.23 29.10
CA GLU B 11 7.58 9.30 28.57
C GLU B 11 6.64 8.72 27.49
N VAL B 12 7.21 7.81 26.69
CA VAL B 12 6.54 7.11 25.60
C VAL B 12 5.61 6.04 26.10
N ARG B 13 6.03 5.28 27.10
CA ARG B 13 5.11 4.37 27.79
C ARG B 13 3.85 5.15 28.23
N GLU B 14 4.04 6.35 28.80
CA GLU B 14 2.95 7.28 29.10
C GLU B 14 1.93 7.36 27.95
N MET B 15 2.41 7.81 26.78
CA MET B 15 1.57 8.00 25.58
C MET B 15 0.60 6.83 25.33
N TYR B 16 1.09 5.62 25.51
CA TYR B 16 0.38 4.47 25.04
C TYR B 16 -0.67 3.91 26.03
N LYS B 17 -0.38 3.97 27.34
CA LYS B 17 -1.39 3.64 28.36
C LYS B 17 -2.61 4.55 28.15
N ASN B 18 -2.37 5.86 27.98
CA ASN B 18 -3.42 6.86 27.74
C ASN B 18 -3.75 7.10 26.27
N HIS B 19 -3.72 6.06 25.46
CA HIS B 19 -4.00 6.24 24.04
C HIS B 19 -5.47 6.62 23.81
N LYS B 20 -5.66 7.89 23.47
CA LYS B 20 -6.99 8.46 23.16
C LYS B 20 -7.73 7.93 21.93
N THR B 21 -7.06 7.90 20.77
CA THR B 21 -7.76 7.74 19.47
C THR B 21 -7.83 6.30 18.90
N HIS B 22 -7.69 5.29 19.76
CA HIS B 22 -7.89 3.89 19.36
C HIS B 22 -9.21 3.30 19.88
N HIS B 23 -10.27 3.53 19.12
CA HIS B 23 -11.03 2.53 19.83
C HIS B 23 -11.47 1.41 18.89
N GLU B 24 -12.21 0.55 19.59
CA GLU B 24 -12.31 -0.92 19.61
C GLU B 24 -12.66 -1.53 18.22
N GLY B 25 -13.24 -0.71 17.36
CA GLY B 25 -13.53 -1.10 15.98
C GLY B 25 -12.26 -1.13 15.12
N ASP B 26 -11.46 -0.05 15.23
CA ASP B 26 -10.75 -0.02 13.90
C ASP B 26 -9.36 -0.76 13.77
N SER B 27 -9.14 -0.55 12.49
CA SER B 27 -8.24 -1.35 11.69
C SER B 27 -6.79 -0.79 11.69
N GLY B 28 -6.67 0.46 12.12
CA GLY B 28 -5.40 1.14 12.22
C GLY B 28 -5.14 1.59 13.66
N LEU B 29 -3.95 1.31 14.14
CA LEU B 29 -3.54 1.74 15.46
C LEU B 29 -2.61 2.90 15.27
N ASP B 30 -3.05 4.11 15.58
CA ASP B 30 -2.20 5.29 15.43
C ASP B 30 -0.89 5.25 16.23
N LEU B 31 0.22 5.71 15.67
CA LEU B 31 1.49 5.82 16.38
C LEU B 31 1.95 7.28 16.54
N PHE B 32 2.44 7.59 17.74
CA PHE B 32 2.81 8.95 18.13
C PHE B 32 4.22 9.28 17.73
N ILE B 33 4.39 10.46 17.16
CA ILE B 33 5.66 11.12 17.24
C ILE B 33 5.98 11.26 18.74
N VAL B 34 7.26 11.22 19.04
CA VAL B 34 7.72 10.83 20.35
C VAL B 34 8.66 11.91 20.95
N LYS B 35 8.90 12.98 20.20
CA LYS B 35 9.78 14.09 20.60
C LYS B 35 9.78 15.12 19.45
N ASP B 36 9.79 16.41 19.76
CA ASP B 36 9.89 17.44 18.70
C ASP B 36 11.07 17.20 17.78
N GLU B 37 10.89 17.62 16.52
CA GLU B 37 11.91 17.59 15.50
C GLU B 37 11.57 18.61 14.41
N VAL B 38 12.62 19.05 13.75
CA VAL B 38 12.51 19.83 12.56
C VAL B 38 13.07 18.92 11.46
N LEU B 39 12.39 18.93 10.32
CA LEU B 39 12.82 18.18 9.15
C LEU B 39 13.24 19.20 8.09
N LYS B 40 14.48 19.09 7.62
CA LYS B 40 15.05 20.04 6.67
C LYS B 40 14.23 19.98 5.37
N PRO B 41 13.91 21.12 4.76
CA PRO B 41 13.16 21.11 3.48
C PRO B 41 13.78 20.16 2.46
N LYS B 42 12.96 19.59 1.57
CA LYS B 42 13.42 18.75 0.42
C LYS B 42 14.38 17.62 0.85
N SER B 43 13.94 16.77 1.76
CA SER B 43 14.79 15.78 2.44
C SER B 43 13.99 14.61 3.02
N THR B 44 14.65 13.52 3.34
CA THR B 44 13.96 12.40 4.00
C THR B 44 14.60 12.00 5.33
N THR B 45 13.85 12.24 6.40
CA THR B 45 14.32 12.11 7.78
C THR B 45 13.85 10.78 8.28
N PHE B 46 14.70 10.01 8.96
CA PHE B 46 14.23 8.86 9.70
C PHE B 46 13.78 9.31 11.09
N VAL B 47 12.51 9.08 11.42
CA VAL B 47 11.91 9.57 12.64
C VAL B 47 11.59 8.36 13.44
N LYS B 48 12.07 8.32 14.68
CA LYS B 48 12.06 7.09 15.51
C LYS B 48 10.84 7.13 16.46
N LEU B 49 10.09 6.04 16.49
CA LEU B 49 8.73 6.11 17.06
C LEU B 49 8.75 5.59 18.49
N GLY B 50 9.95 5.14 18.88
CA GLY B 50 10.30 4.99 20.28
C GLY B 50 9.57 3.81 20.87
N ILE B 51 9.27 2.85 19.98
CA ILE B 51 8.68 1.57 20.34
C ILE B 51 9.30 0.47 19.52
N LYS B 52 9.12 -0.75 20.01
CA LYS B 52 9.42 -1.94 19.28
C LYS B 52 8.15 -2.78 19.45
N ALA B 53 7.98 -3.85 18.64
CA ALA B 53 6.67 -4.53 18.48
C ALA B 53 6.62 -5.80 17.59
N ILE B 54 5.81 -6.75 18.05
CA ILE B 54 5.52 -8.01 17.38
C ILE B 54 4.00 -8.17 17.26
N ALA B 55 3.52 -8.78 16.19
CA ALA B 55 2.10 -8.92 15.99
C ALA B 55 1.77 -10.38 15.99
N LEU B 56 0.58 -10.74 16.46
CA LEU B 56 0.17 -12.11 16.50
C LEU B 56 -1.27 -12.33 15.99
N GLN B 57 -1.43 -13.41 15.24
CA GLN B 57 -2.76 -13.82 14.75
C GLN B 57 -2.94 -15.34 14.78
N TYR B 58 -4.22 -15.73 14.69
CA TYR B 58 -4.63 -17.12 14.46
C TYR B 58 -3.96 -17.59 13.16
N LYS B 59 -3.05 -18.57 13.27
CA LYS B 59 -2.35 -19.17 12.13
C LYS B 59 -3.26 -19.93 11.16
N SER B 60 -2.97 -19.82 9.85
CA SER B 60 -3.73 -20.52 8.80
C SER B 60 -2.81 -21.34 7.89
N ASN B 61 -3.44 -22.12 7.02
CA ASN B 61 -2.70 -22.81 5.97
C ASN B 61 -2.44 -21.83 4.80
N TYR B 62 -1.21 -21.89 4.27
CA TYR B 62 -0.78 -21.12 3.11
C TYR B 62 0.05 -21.98 2.15
N TYR B 63 0.09 -21.59 0.88
CA TYR B 63 0.71 -22.43 -0.14
C TYR B 63 2.21 -22.17 -0.28
N TYR B 64 2.96 -23.26 -0.33
CA TYR B 64 4.42 -23.23 -0.31
C TYR B 64 4.96 -24.46 -1.07
N LYS B 65 6.01 -24.29 -1.89
CA LYS B 65 6.53 -25.35 -2.77
CA ASN B 80 -2.05 -22.00 18.36
C ASN B 80 -2.07 -20.58 17.79
N ILE B 81 -1.17 -19.75 18.33
CA ILE B 81 -1.02 -18.35 17.89
C ILE B 81 0.42 -18.07 17.40
N VAL B 82 0.55 -17.67 16.11
CA VAL B 82 1.85 -17.33 15.48
C VAL B 82 2.15 -15.82 15.40
N ASN B 83 3.44 -15.47 15.46
CA ASN B 83 3.80 -14.11 15.13
C ASN B 83 3.49 -13.84 13.67
N THR B 84 3.44 -12.59 13.26
CA THR B 84 3.15 -12.27 11.85
C THR B 84 3.75 -10.94 11.40
N SER B 85 3.98 -10.85 10.11
CA SER B 85 4.25 -9.57 9.45
C SER B 85 3.06 -8.61 9.54
N PHE B 86 3.34 -7.33 9.55
CA PHE B 86 2.33 -6.33 9.51
C PHE B 86 2.83 -5.10 8.72
N LEU B 87 2.06 -4.03 8.67
CA LEU B 87 2.30 -2.91 7.77
C LEU B 87 2.28 -1.56 8.51
N LEU B 88 3.13 -0.65 8.12
CA LEU B 88 3.04 0.74 8.55
C LEU B 88 2.48 1.61 7.42
N PHE B 89 1.25 2.08 7.56
CA PHE B 89 0.63 2.98 6.59
C PHE B 89 0.78 4.42 7.02
N PRO B 90 0.72 5.38 6.10
CA PRO B 90 0.50 6.77 6.51
C PRO B 90 -0.93 6.92 7.02
N ARG B 91 -1.22 7.95 7.81
CA ARG B 91 -2.58 8.27 8.15
C ARG B 91 -3.14 9.15 7.08
N SER B 92 -4.47 9.13 6.94
CA SER B 92 -5.16 10.00 6.01
C SER B 92 -4.69 11.43 6.17
N SER B 93 -4.42 11.80 7.42
CA SER B 93 -4.13 13.19 7.81
C SER B 93 -2.78 13.69 7.37
N ILE B 94 -1.87 12.78 7.07
CA ILE B 94 -0.56 13.17 6.55
C ILE B 94 -0.65 14.06 5.28
N SER B 95 -1.77 13.99 4.59
CA SER B 95 -1.94 14.63 3.32
C SER B 95 -2.20 16.14 3.41
N LYS B 96 -2.56 16.62 4.60
CA LYS B 96 -2.52 18.02 4.98
C LYS B 96 -1.13 18.41 5.46
N THR B 97 -0.12 17.73 4.96
CA THR B 97 1.27 18.02 5.29
C THR B 97 2.05 17.80 3.99
N PRO B 98 3.29 18.27 3.98
CA PRO B 98 4.24 17.95 2.91
C PRO B 98 5.08 16.75 3.25
N LEU B 99 4.70 16.03 4.29
CA LEU B 99 5.38 14.79 4.65
C LEU B 99 4.78 13.60 3.89
N ARG B 100 5.66 12.75 3.35
CA ARG B 100 5.23 11.53 2.67
C ARG B 100 6.04 10.34 3.12
N LEU B 101 5.46 9.15 3.14
CA LEU B 101 6.21 7.97 3.56
C LEU B 101 7.02 7.53 2.32
N ALA B 102 8.33 7.60 2.45
CA ALA B 102 9.30 7.38 1.39
C ALA B 102 9.17 6.03 0.70
N ASN B 103 9.05 4.99 1.52
CA ASN B 103 8.85 3.61 1.05
C ASN B 103 7.38 3.20 0.91
N SER B 104 6.49 4.21 0.83
CA SER B 104 5.02 4.09 0.59
C SER B 104 4.29 3.42 1.72
N ILE B 105 4.57 2.15 1.95
CA ILE B 105 4.02 1.40 3.06
C ILE B 105 5.14 0.57 3.58
N GLY B 106 5.45 0.76 4.85
CA GLY B 106 6.48 -0.04 5.46
C GLY B 106 5.97 -1.44 5.64
N LEU B 107 6.85 -2.42 5.41
CA LEU B 107 6.48 -3.80 5.60
C LEU B 107 7.38 -4.34 6.72
N ILE B 108 6.76 -4.87 7.75
CA ILE B 108 7.54 -5.30 8.89
C ILE B 108 7.37 -6.78 9.07
N ASP B 109 8.50 -7.43 9.08
CA ASP B 109 8.55 -8.86 8.91
C ASP B 109 8.36 -9.49 10.31
N ALA B 110 7.99 -10.76 10.36
CA ALA B 110 7.77 -11.45 11.63
C ALA B 110 8.99 -11.39 12.63
N GLY B 111 10.23 -11.45 12.13
CA GLY B 111 11.43 -11.36 12.99
C GLY B 111 12.06 -9.98 13.30
N TYR B 112 11.33 -8.90 13.08
CA TYR B 112 11.91 -7.62 13.44
C TYR B 112 11.70 -7.51 14.94
N ARG B 113 12.75 -7.01 15.59
CA ARG B 113 12.71 -6.84 17.02
C ARG B 113 13.50 -5.61 17.39
N GLY B 114 13.58 -4.70 16.42
CA GLY B 114 14.14 -3.37 16.63
C GLY B 114 13.06 -2.30 16.71
N GLU B 115 13.50 -1.05 16.75
CA GLU B 115 12.61 0.09 16.93
C GLU B 115 11.88 0.42 15.60
N ILE B 116 10.56 0.63 15.69
CA ILE B 116 9.76 1.07 14.58
C ILE B 116 10.21 2.44 14.21
N ILE B 117 10.66 2.60 12.96
CA ILE B 117 11.09 3.90 12.45
C ILE B 117 10.26 4.31 11.20
N ALA B 118 10.06 5.60 11.02
CA ALA B 118 9.24 6.13 9.94
C ALA B 118 10.02 7.08 9.05
N ALA B 119 10.35 6.61 7.85
CA ALA B 119 11.04 7.41 6.83
C ALA B 119 10.14 8.44 6.18
N LEU B 120 10.23 9.70 6.56
CA LEU B 120 9.32 10.72 6.05
C LEU B 120 10.04 11.65 5.13
N ASP B 121 9.58 11.84 3.89
CA ASP B 121 10.11 12.88 3.01
C ASP B 121 9.43 14.17 3.35
N ASN B 122 10.21 15.22 3.49
CA ASN B 122 9.64 16.53 3.49
C ASN B 122 9.75 17.07 2.05
N THR B 123 8.60 17.43 1.48
CA THR B 123 8.51 17.83 0.08
C THR B 123 8.38 19.35 -0.02
N SER B 124 8.56 19.99 1.12
CA SER B 124 8.45 21.44 1.25
C SER B 124 9.75 22.10 0.82
N ASP B 125 9.62 23.29 0.24
CA ASP B 125 10.84 24.10 0.21
C ASP B 125 11.01 24.95 1.48
N GLN B 126 10.51 24.41 2.61
CA GLN B 126 10.73 24.95 3.98
C GLN B 126 10.85 23.87 5.05
N GLU B 127 11.31 24.22 6.25
CA GLU B 127 11.27 23.31 7.39
C GLU B 127 9.83 22.94 7.77
N TYR B 128 9.68 21.81 8.43
CA TYR B 128 8.38 21.40 8.98
C TYR B 128 8.61 20.83 10.38
N HIS B 129 7.96 21.41 11.38
CA HIS B 129 8.19 21.03 12.77
C HIS B 129 7.19 19.95 13.08
N ILE B 130 7.66 18.76 13.43
CA ILE B 130 6.75 17.72 13.90
C ILE B 130 6.76 17.74 15.43
N LYS B 131 5.57 17.76 16.02
CA LYS B 131 5.37 17.88 17.46
C LYS B 131 5.22 16.50 18.13
N LYS B 132 5.57 16.41 19.40
CA LYS B 132 5.21 15.24 20.14
C LYS B 132 3.69 15.14 20.21
N ASN B 133 3.22 13.89 20.17
CA ASN B 133 1.79 13.54 20.11
C ASN B 133 1.06 13.78 18.77
N ASP B 134 1.75 14.32 17.78
CA ASP B 134 1.27 14.24 16.41
C ASP B 134 1.14 12.74 16.02
N LYS B 135 0.30 12.52 15.00
CA LYS B 135 -0.08 11.17 14.57
C LYS B 135 -0.03 11.20 13.04
N LEU B 136 1.06 10.69 12.49
CA LEU B 136 1.23 10.74 11.04
C LEU B 136 1.17 9.38 10.38
N VAL B 137 1.03 8.34 11.19
CA VAL B 137 1.42 7.03 10.77
C VAL B 137 0.73 6.01 11.66
N GLN B 138 0.41 4.85 11.08
CA GLN B 138 -0.39 3.85 11.73
C GLN B 138 -0.01 2.44 11.34
N LEU B 139 -0.31 1.52 12.24
CA LEU B 139 0.07 0.13 12.09
C LEU B 139 -1.11 -0.62 11.60
N VAL B 140 -0.96 -1.45 10.58
CA VAL B 140 -2.11 -2.21 10.15
C VAL B 140 -1.76 -3.66 9.83
N SER B 141 -2.78 -4.48 9.89
CA SER B 141 -2.65 -5.89 9.59
C SER B 141 -2.93 -6.14 8.11
N PHE B 142 -2.33 -7.20 7.58
CA PHE B 142 -2.61 -7.64 6.22
C PHE B 142 -4.05 -8.02 5.95
N THR B 143 -4.77 -8.40 6.98
CA THR B 143 -6.21 -8.73 6.90
C THR B 143 -7.15 -7.50 7.03
N GLY B 144 -6.63 -6.37 7.50
CA GLY B 144 -7.43 -5.20 7.78
C GLY B 144 -8.35 -5.35 8.98
N GLU B 145 -8.18 -6.42 9.72
CA GLU B 145 -9.03 -6.75 10.86
C GLU B 145 -8.68 -5.82 12.05
N PRO B 146 -9.59 -5.64 13.02
CA PRO B 146 -9.25 -4.80 14.18
C PRO B 146 -8.04 -5.32 14.95
N LEU B 147 -7.42 -4.41 15.67
CA LEU B 147 -6.10 -4.60 16.30
C LEU B 147 -6.19 -4.38 17.79
N SER B 148 -5.60 -5.28 18.56
CA SER B 148 -5.43 -5.01 19.99
C SER B 148 -3.96 -4.69 20.28
N PHE B 149 -3.72 -3.90 21.30
CA PHE B 149 -2.37 -3.82 21.82
C PHE B 149 -2.28 -4.00 23.34
N GLU B 150 -1.05 -4.10 23.79
CA GLU B 150 -0.73 -4.58 25.11
C GLU B 150 0.64 -3.98 25.38
N LEU B 151 0.83 -3.36 26.54
CA LEU B 151 2.18 -2.91 26.87
C LEU B 151 2.89 -4.01 27.65
N VAL B 152 4.16 -4.15 27.29
CA VAL B 152 4.98 -5.31 27.60
C VAL B 152 6.41 -4.76 27.81
N GLU B 153 7.27 -5.55 28.47
CA GLU B 153 8.65 -5.12 28.62
C GLU B 153 9.61 -6.08 27.91
N GLU B 154 9.06 -7.20 27.39
CA GLU B 154 9.95 -8.20 26.80
C GLU B 154 9.21 -9.18 25.83
N MET C 1 2.38 -17.94 -0.24
CA MET C 1 2.27 -17.76 -1.72
C MET C 1 3.47 -18.42 -2.39
N HIS C 2 3.23 -19.04 -3.55
CA HIS C 2 4.30 -19.59 -4.30
C HIS C 2 4.24 -18.94 -5.67
N LEU C 3 5.40 -18.54 -6.17
CA LEU C 3 5.51 -17.78 -7.41
C LEU C 3 6.20 -18.69 -8.42
N LYS C 4 5.70 -18.69 -9.64
CA LYS C 4 6.41 -19.30 -10.74
C LYS C 4 6.94 -18.15 -11.58
N ILE C 5 8.24 -18.16 -11.80
CA ILE C 5 8.95 -17.05 -12.41
C ILE C 5 9.69 -17.45 -13.67
N VAL C 6 9.45 -16.75 -14.77
CA VAL C 6 10.13 -16.96 -16.04
C VAL C 6 11.20 -15.88 -16.15
N CYS C 7 12.45 -16.28 -16.33
CA CYS C 7 13.52 -15.31 -16.58
C CYS C 7 13.66 -15.07 -18.09
N LEU C 8 13.76 -13.81 -18.50
CA LEU C 8 13.75 -13.42 -19.92
C LEU C 8 15.16 -13.44 -20.57
N SER C 9 16.10 -14.04 -19.86
CA SER C 9 17.48 -14.15 -20.29
C SER C 9 18.22 -15.07 -19.31
N ASP C 10 19.23 -15.75 -19.85
CA ASP C 10 20.12 -16.61 -19.04
C ASP C 10 20.83 -15.82 -17.94
N GLU C 11 21.30 -14.61 -18.23
CA GLU C 11 21.88 -13.70 -17.24
C GLU C 11 21.04 -13.61 -15.97
N VAL C 12 19.73 -13.36 -16.19
CA VAL C 12 18.73 -13.23 -15.14
C VAL C 12 18.38 -14.54 -14.40
N ARG C 13 18.36 -15.65 -15.13
CA ARG C 13 18.11 -16.90 -14.46
C ARG C 13 19.26 -17.23 -13.51
N GLU C 14 20.46 -16.74 -13.79
CA GLU C 14 21.60 -17.06 -12.96
C GLU C 14 21.58 -16.28 -11.68
N MET C 15 21.14 -15.02 -11.68
CA MET C 15 21.01 -14.35 -10.37
C MET C 15 19.82 -14.85 -9.51
N TYR C 16 18.83 -15.50 -10.13
CA TYR C 16 17.71 -16.04 -9.36
C TYR C 16 18.03 -17.44 -8.80
N LYS C 17 18.70 -18.28 -9.59
CA LYS C 17 19.19 -19.56 -9.02
C LYS C 17 20.05 -19.36 -7.76
N ASN C 18 20.90 -18.33 -7.75
CA ASN C 18 21.76 -18.02 -6.60
C ASN C 18 21.19 -16.87 -5.75
N HIS C 19 19.89 -16.90 -5.42
CA HIS C 19 19.34 -15.92 -4.49
C HIS C 19 19.80 -16.18 -3.05
N LYS C 20 20.88 -15.49 -2.66
CA LYS C 20 21.44 -15.69 -1.32
C LYS C 20 20.57 -15.66 -0.06
N THR C 21 20.06 -14.45 0.25
CA THR C 21 19.51 -14.24 1.59
C THR C 21 17.99 -14.21 1.56
N HIS C 22 17.41 -15.42 1.53
CA HIS C 22 15.95 -15.48 1.43
C HIS C 22 15.68 -16.90 1.97
N HIS C 23 14.59 -17.01 2.75
N ASP C 26 10.71 -14.61 5.41
CA ASP C 26 10.23 -13.33 4.78
C ASP C 26 9.04 -13.41 3.73
N SER C 27 8.30 -12.45 4.27
CA SER C 27 7.00 -12.08 3.68
C SER C 27 7.15 -11.23 2.35
N GLY C 28 8.39 -10.87 1.99
CA GLY C 28 8.73 -10.23 0.73
C GLY C 28 9.86 -10.94 -0.01
N LEU C 29 9.78 -10.97 -1.33
CA LEU C 29 10.81 -11.56 -2.18
C LEU C 29 11.46 -10.43 -2.95
N ASP C 30 12.71 -10.16 -2.61
CA ASP C 30 13.50 -9.13 -3.25
C ASP C 30 13.67 -9.44 -4.75
N LEU C 31 13.44 -8.42 -5.57
CA LEU C 31 13.67 -8.49 -7.01
C LEU C 31 14.97 -7.74 -7.34
N PHE C 32 15.68 -8.24 -8.33
CA PHE C 32 16.89 -7.62 -8.82
C PHE C 32 16.74 -6.64 -9.99
N ILE C 33 17.48 -5.53 -9.88
CA ILE C 33 17.83 -4.72 -11.03
C ILE C 33 18.78 -5.57 -11.77
N VAL C 34 18.62 -5.58 -13.06
CA VAL C 34 19.07 -6.68 -13.89
C VAL C 34 20.10 -6.25 -14.96
N LYS C 35 20.19 -4.94 -15.25
CA LYS C 35 21.01 -4.24 -16.20
C LYS C 35 21.40 -2.91 -15.61
N ASP C 36 22.65 -2.44 -15.58
CA ASP C 36 22.95 -1.05 -15.20
C ASP C 36 22.06 -0.05 -16.00
N GLU C 37 21.70 1.10 -15.42
CA GLU C 37 20.80 2.05 -16.05
C GLU C 37 20.85 3.40 -15.38
N VAL C 38 20.65 4.47 -16.16
CA VAL C 38 20.64 5.86 -15.68
C VAL C 38 19.23 6.38 -15.70
N LEU C 39 18.81 6.99 -14.61
CA LEU C 39 17.46 7.47 -14.46
C LEU C 39 17.52 8.97 -14.47
N LYS C 40 16.89 9.59 -15.46
CA LYS C 40 17.13 11.01 -15.53
C LYS C 40 16.31 11.70 -14.47
N PRO C 41 16.84 12.85 -14.10
CA PRO C 41 16.27 13.66 -13.05
C PRO C 41 14.80 14.01 -13.21
N LYS C 42 14.13 14.14 -12.07
CA LYS C 42 12.77 14.63 -11.99
C LYS C 42 11.90 14.01 -13.09
N SER C 43 11.90 12.68 -13.09
CA SER C 43 11.15 11.95 -14.07
C SER C 43 11.08 10.48 -13.73
N THR C 44 10.15 9.76 -14.33
CA THR C 44 9.94 8.39 -13.90
C THR C 44 10.33 7.43 -14.99
N THR C 45 11.01 6.36 -14.57
CA THR C 45 11.58 5.32 -15.45
C THR C 45 10.92 3.98 -15.13
N PHE C 46 10.63 3.25 -16.19
CA PHE C 46 9.88 2.07 -16.10
C PHE C 46 10.94 1.01 -16.21
N VAL C 47 11.49 0.63 -15.07
CA VAL C 47 12.61 -0.27 -15.04
C VAL C 47 12.20 -1.74 -15.26
N LYS C 48 12.81 -2.37 -16.24
CA LYS C 48 12.39 -3.68 -16.68
C LYS C 48 13.16 -4.74 -15.85
N LEU C 49 12.47 -5.63 -15.15
CA LEU C 49 13.18 -6.52 -14.21
C LEU C 49 13.38 -7.89 -14.84
N GLY C 50 13.13 -8.00 -16.11
CA GLY C 50 13.62 -9.14 -16.87
C GLY C 50 12.94 -10.44 -16.48
N ILE C 51 11.70 -10.33 -16.04
CA ILE C 51 10.98 -11.44 -15.41
C ILE C 51 9.50 -11.30 -15.59
N LYS C 52 8.86 -12.43 -15.89
CA LYS C 52 7.41 -12.62 -15.81
C LYS C 52 7.10 -13.58 -14.62
N ALA C 53 5.91 -13.52 -14.02
CA ALA C 53 5.67 -14.34 -12.83
C ALA C 53 4.21 -14.45 -12.44
N ILE C 54 3.66 -15.66 -12.43
CA ILE C 54 2.41 -15.92 -11.69
C ILE C 54 2.56 -16.27 -10.20
N ALA C 55 1.52 -15.97 -9.47
CA ALA C 55 1.43 -16.19 -8.06
C ALA C 55 0.29 -17.20 -7.78
N LEU C 56 0.57 -18.18 -6.93
CA LEU C 56 -0.38 -19.20 -6.57
C LEU C 56 -0.64 -19.22 -5.06
N GLN C 57 -1.85 -19.62 -4.67
CA GLN C 57 -2.31 -19.46 -3.29
C GLN C 57 -3.44 -20.45 -3.13
N TYR C 58 -3.66 -20.92 -1.91
CA TYR C 58 -4.78 -21.78 -1.66
C TYR C 58 -6.07 -21.01 -1.83
N LYS C 59 -6.99 -21.67 -2.56
CA LYS C 59 -8.35 -21.18 -2.79
C LYS C 59 -8.91 -20.87 -1.42
N SER C 60 -9.56 -19.73 -1.30
CA SER C 60 -10.19 -19.31 -0.06
C SER C 60 -11.64 -19.03 -0.42
N ASN C 61 -12.57 -19.26 0.50
CA ASN C 61 -13.92 -18.78 0.26
C ASN C 61 -14.11 -17.32 0.71
N TYR C 62 -14.70 -16.56 -0.21
CA TYR C 62 -14.95 -15.14 -0.08
C TYR C 62 -16.35 -14.78 -0.60
N TYR C 63 -16.91 -13.72 -0.03
CA TYR C 63 -18.21 -13.18 -0.44
C TYR C 63 -18.21 -12.47 -1.83
N TYR C 64 -19.16 -12.82 -2.67
CA TYR C 64 -19.17 -12.33 -4.04
C TYR C 64 -20.57 -12.45 -4.67
N LYS C 65 -21.27 -11.32 -4.81
CA LYS C 65 -22.57 -11.25 -5.52
C LYS C 65 -22.38 -11.16 -7.05
N LYS C 78 -12.78 -23.52 -9.01
CA LYS C 78 -12.52 -24.46 -10.09
C LYS C 78 -11.26 -25.30 -9.82
N SER C 79 -10.51 -24.82 -8.82
CA SER C 79 -9.38 -25.55 -8.25
C SER C 79 -9.12 -25.13 -6.82
N ASN C 80 -8.36 -25.93 -6.14
CA ASN C 80 -8.00 -25.68 -4.76
C ASN C 80 -6.92 -24.60 -4.57
N ILE C 81 -6.25 -24.29 -5.66
CA ILE C 81 -5.03 -23.51 -5.63
C ILE C 81 -5.16 -22.60 -6.79
N VAL C 82 -5.12 -21.31 -6.45
CA VAL C 82 -5.63 -20.25 -7.29
C VAL C 82 -4.51 -19.32 -7.74
N ASN C 83 -4.58 -18.96 -9.00
CA ASN C 83 -3.93 -17.79 -9.55
C ASN C 83 -4.36 -16.50 -8.80
N THR C 84 -3.44 -15.77 -8.19
CA THR C 84 -3.81 -14.58 -7.46
C THR C 84 -3.03 -13.34 -7.88
N SER C 85 -3.60 -12.21 -7.50
CA SER C 85 -2.96 -10.94 -7.56
C SER C 85 -1.96 -10.83 -6.45
N PHE C 86 -0.96 -9.98 -6.66
CA PHE C 86 0.06 -9.78 -5.67
C PHE C 86 0.55 -8.39 -5.79
N LEU C 87 1.44 -8.00 -4.89
CA LEU C 87 1.84 -6.63 -4.71
C LEU C 87 3.30 -6.47 -4.96
N LEU C 88 3.66 -5.25 -5.23
CA LEU C 88 5.00 -4.88 -5.49
C LEU C 88 5.28 -3.68 -4.58
N PHE C 89 6.11 -3.93 -3.57
CA PHE C 89 6.48 -2.92 -2.60
C PHE C 89 7.81 -2.32 -2.89
N PRO C 90 8.00 -1.07 -2.53
CA PRO C 90 9.37 -0.52 -2.42
C PRO C 90 10.09 -1.25 -1.28
N ARG C 91 11.36 -1.57 -1.45
CA ARG C 91 12.14 -2.05 -0.31
C ARG C 91 12.38 -0.85 0.55
N SER C 92 12.56 -1.08 1.86
CA SER C 92 12.79 0.02 2.83
C SER C 92 14.05 0.80 2.44
N SER C 93 15.02 0.08 1.91
CA SER C 93 16.22 0.61 1.19
C SER C 93 16.06 1.88 0.36
N ILE C 94 14.96 1.94 -0.37
CA ILE C 94 14.69 2.98 -1.34
C ILE C 94 14.70 4.37 -0.70
N SER C 95 14.45 4.42 0.59
CA SER C 95 14.46 5.68 1.32
C SER C 95 15.75 6.49 1.28
N LYS C 96 16.91 5.80 1.33
CA LYS C 96 18.23 6.41 1.22
C LYS C 96 18.48 7.09 -0.14
N THR C 97 17.72 6.58 -1.08
CA THR C 97 17.78 6.84 -2.50
C THR C 97 16.81 8.01 -2.76
N PRO C 98 16.89 8.69 -3.89
CA PRO C 98 15.84 9.66 -4.29
C PRO C 98 14.71 9.09 -5.20
N LEU C 99 14.77 7.78 -5.41
CA LEU C 99 13.73 7.00 -6.05
C LEU C 99 12.50 6.64 -5.18
N ARG C 100 11.33 6.87 -5.75
CA ARG C 100 10.07 6.64 -5.09
C ARG C 100 9.15 5.94 -6.07
N LEU C 101 8.32 5.01 -5.60
CA LEU C 101 7.45 4.26 -6.50
C LEU C 101 6.33 5.13 -6.94
N ALA C 102 6.23 5.30 -8.25
CA ALA C 102 5.30 6.25 -8.80
C ALA C 102 3.82 5.81 -8.65
N ASN C 103 3.57 4.50 -8.55
CA ASN C 103 2.22 3.96 -8.30
C ASN C 103 2.03 3.49 -6.82
N SER C 104 2.92 3.98 -5.94
CA SER C 104 2.94 3.68 -4.52
C SER C 104 3.30 2.24 -4.18
N ILE C 105 2.33 1.36 -4.41
CA ILE C 105 2.46 -0.06 -4.35
C ILE C 105 1.97 -0.56 -5.68
N GLY C 106 2.72 -1.46 -6.31
CA GLY C 106 2.27 -2.11 -7.51
C GLY C 106 1.20 -3.15 -7.18
N LEU C 107 0.09 -3.12 -7.94
CA LEU C 107 -0.87 -4.22 -7.93
C LEU C 107 -0.87 -4.95 -9.29
N ILE C 108 -0.47 -6.20 -9.23
CA ILE C 108 -0.33 -7.06 -10.38
C ILE C 108 -1.47 -8.01 -10.28
N ASP C 109 -2.44 -7.83 -11.18
CA ASP C 109 -3.61 -8.66 -11.30
C ASP C 109 -3.21 -10.07 -11.68
N ALA C 110 -4.06 -10.99 -11.27
CA ALA C 110 -3.91 -12.41 -11.53
C ALA C 110 -3.67 -12.79 -13.02
N GLY C 111 -4.37 -12.16 -13.95
CA GLY C 111 -4.18 -12.47 -15.35
C GLY C 111 -3.00 -11.80 -16.08
N TYR C 112 -2.20 -10.99 -15.40
CA TYR C 112 -1.05 -10.40 -16.06
C TYR C 112 0.07 -11.40 -16.43
N ARG C 113 0.52 -11.31 -17.68
CA ARG C 113 1.58 -12.17 -18.22
C ARG C 113 2.66 -11.35 -18.88
N GLY C 114 2.70 -10.04 -18.61
CA GLY C 114 3.87 -9.26 -19.01
C GLY C 114 5.01 -9.35 -18.00
N GLU C 115 6.08 -8.67 -18.35
CA GLU C 115 7.24 -8.53 -17.53
C GLU C 115 6.93 -7.64 -16.34
N ILE C 116 7.54 -7.94 -15.20
CA ILE C 116 7.36 -7.10 -14.01
C ILE C 116 8.26 -5.87 -14.16
N ILE C 117 7.66 -4.71 -13.97
CA ILE C 117 8.34 -3.43 -14.10
C ILE C 117 8.18 -2.68 -12.80
N ALA C 118 9.24 -1.98 -12.38
CA ALA C 118 9.22 -1.02 -11.24
C ALA C 118 9.15 0.43 -11.76
N ALA C 119 8.07 1.11 -11.52
CA ALA C 119 7.96 2.44 -12.04
C ALA C 119 8.62 3.40 -11.10
N LEU C 120 9.85 3.75 -11.39
CA LEU C 120 10.65 4.47 -10.44
C LEU C 120 10.76 5.94 -10.79
N ASP C 121 10.29 6.73 -9.85
CA ASP C 121 10.30 8.16 -9.90
C ASP C 121 11.61 8.72 -9.30
N ASN C 122 12.47 9.32 -10.11
CA ASN C 122 13.68 10.01 -9.61
C ASN C 122 13.29 11.44 -9.25
N THR C 123 13.23 11.72 -7.94
CA THR C 123 12.89 13.04 -7.37
C THR C 123 14.00 14.09 -7.36
N SER C 124 15.26 13.70 -7.49
CA SER C 124 16.34 14.70 -7.49
C SER C 124 16.44 15.49 -8.83
N ASP C 125 17.24 16.58 -8.88
CA ASP C 125 17.58 17.19 -10.18
C ASP C 125 18.84 16.62 -10.79
N GLN C 126 19.37 15.57 -10.19
CA GLN C 126 20.36 14.79 -10.90
C GLN C 126 19.98 13.38 -11.27
N GLU C 127 20.64 12.96 -12.32
CA GLU C 127 20.76 11.57 -12.67
C GLU C 127 20.99 10.74 -11.45
N TYR C 128 20.40 9.54 -11.46
CA TYR C 128 20.68 8.59 -10.45
C TYR C 128 20.96 7.26 -11.13
N HIS C 129 22.00 6.56 -10.73
CA HIS C 129 22.43 5.34 -11.41
C HIS C 129 22.05 4.11 -10.61
N ILE C 130 21.32 3.20 -11.25
CA ILE C 130 21.07 1.89 -10.67
C ILE C 130 21.97 0.90 -11.37
N LYS C 131 22.22 -0.23 -10.68
CA LYS C 131 23.22 -1.22 -11.08
C LYS C 131 22.69 -2.65 -11.01
N LYS C 132 23.18 -3.48 -11.92
CA LYS C 132 22.79 -4.88 -11.90
C LYS C 132 23.02 -5.43 -10.48
N ASN C 133 22.08 -6.24 -10.01
CA ASN C 133 22.05 -6.77 -8.65
C ASN C 133 21.58 -5.82 -7.52
N ASP C 134 21.34 -4.56 -7.84
CA ASP C 134 20.61 -3.64 -6.95
C ASP C 134 19.25 -4.22 -6.54
N LYS C 135 18.71 -3.69 -5.44
CA LYS C 135 17.53 -4.26 -4.76
C LYS C 135 16.63 -3.15 -4.28
N LEU C 136 15.74 -2.68 -5.11
CA LEU C 136 14.92 -1.56 -4.72
C LEU C 136 13.49 -2.02 -4.45
N VAL C 137 13.15 -3.27 -4.79
CA VAL C 137 11.74 -3.65 -4.87
C VAL C 137 11.51 -5.11 -4.44
N GLN C 138 10.30 -5.45 -4.04
CA GLN C 138 10.00 -6.78 -3.57
C GLN C 138 8.57 -7.14 -3.75
N LEU C 139 8.34 -8.44 -3.91
CA LEU C 139 7.01 -8.97 -4.17
C LEU C 139 6.45 -9.43 -2.85
N VAL C 140 5.20 -9.08 -2.56
CA VAL C 140 4.57 -9.53 -1.32
C VAL C 140 3.17 -10.02 -1.61
N SER C 141 2.69 -10.85 -0.74
CA SER C 141 1.37 -11.43 -0.92
C SER C 141 0.45 -10.54 -0.11
N PHE C 142 -0.80 -10.47 -0.52
CA PHE C 142 -1.87 -9.77 0.16
C PHE C 142 -2.08 -10.26 1.57
N THR C 143 -1.62 -11.51 1.84
CA THR C 143 -1.62 -12.11 3.21
C THR C 143 -0.45 -11.76 4.08
N GLY C 144 0.64 -11.31 3.48
CA GLY C 144 1.92 -11.18 4.18
C GLY C 144 2.51 -12.55 4.56
N GLU C 145 2.06 -13.61 3.91
CA GLU C 145 2.58 -14.90 4.24
C GLU C 145 3.89 -15.09 3.53
N PRO C 146 4.75 -16.00 4.03
CA PRO C 146 6.06 -16.26 3.39
C PRO C 146 5.90 -16.70 1.93
N LEU C 147 6.90 -16.36 1.11
CA LEU C 147 6.87 -16.51 -0.35
C LEU C 147 7.86 -17.62 -0.72
N SER C 148 7.47 -18.49 -1.64
CA SER C 148 8.41 -19.45 -2.23
C SER C 148 8.40 -19.19 -3.72
N PHE C 149 9.45 -19.57 -4.42
CA PHE C 149 9.44 -19.48 -5.89
C PHE C 149 10.21 -20.61 -6.57
N GLU C 150 9.74 -21.00 -7.72
CA GLU C 150 10.47 -21.94 -8.54
C GLU C 150 10.74 -21.26 -9.85
N LEU C 151 11.82 -21.69 -10.50
CA LEU C 151 12.14 -21.24 -11.82
C LEU C 151 11.55 -22.24 -12.81
N VAL C 152 10.91 -21.68 -13.82
CA VAL C 152 10.04 -22.42 -14.71
C VAL C 152 10.24 -21.80 -16.13
N GLU C 153 10.09 -22.59 -17.20
CA GLU C 153 10.39 -22.06 -18.53
C GLU C 153 9.18 -21.42 -19.23
N GLU C 154 7.97 -21.85 -18.89
CA GLU C 154 6.74 -21.20 -19.36
C GLU C 154 5.70 -21.22 -18.22
N LEU C 155 4.70 -20.34 -18.30
F3' DUX D . -12.06 8.94 7.24
C3' DUX D . -11.42 8.88 6.07
C2' DUX D . -12.02 7.78 5.19
C1' DUX D . -12.00 8.44 3.82
N1 DUX D . -10.78 8.24 3.05
C2 DUX D . -10.83 8.48 1.65
N3 DUX D . -9.74 8.29 0.88
C4 DUX D . -8.56 7.90 1.44
C5 DUX D . -8.44 7.66 2.80
C6 DUX D . -9.59 7.83 3.59
O4 DUX D . -7.54 7.76 0.74
O2 DUX D . -11.93 8.86 1.15
O4' DUX D . -12.10 9.85 4.06
C4' DUX D . -11.63 10.20 5.38
C5' DUX D . -10.38 11.06 5.44
O5' DUX D . -10.72 12.48 5.28
C17 DUX D . -9.74 13.42 4.74
C30 DUX D . -8.87 13.89 5.91
C31 DUX D . -9.03 13.37 7.22
C32 DUX D . -8.22 13.82 8.27
C33 DUX D . -7.27 14.83 8.05
C34 DUX D . -7.14 15.38 6.79
C35 DUX D . -7.92 14.91 5.71
C24 DUX D . -9.02 12.67 3.64
C25 DUX D . -7.66 12.38 3.69
C26 DUX D . -7.03 11.66 2.68
C27 DUX D . -7.77 11.17 1.61
C28 DUX D . -9.13 11.44 1.54
C29 DUX D . -9.76 12.17 2.54
C18 DUX D . -10.53 14.62 4.21
C19 DUX D . -11.65 15.10 4.91
C20 DUX D . -12.38 16.22 4.42
C21 DUX D . -12.01 16.86 3.23
C22 DUX D . -10.88 16.40 2.55
C23 DUX D . -10.17 15.29 3.03
F3' DUX E . 14.62 -4.06 8.54
C3' DUX E . 13.59 -3.16 8.53
C2' DUX E . 12.27 -3.51 9.18
C1' DUX E . 11.79 -2.20 9.83
N1 DUX E . 10.93 -1.26 9.09
C2 DUX E . 10.47 -0.12 9.83
N3 DUX E . 9.70 0.82 9.25
C4 DUX E . 9.37 0.74 7.94
C5 DUX E . 9.81 -0.37 7.19
C6 DUX E . 10.61 -1.36 7.78
O4 DUX E . 8.65 1.62 7.41
O2 DUX E . 10.78 0.00 11.04
O4' DUX E . 12.96 -1.40 9.96
C4' DUX E . 14.10 -1.98 9.32
C5' DUX E . 14.87 -1.12 8.32
O5' DUX E . 15.17 0.18 8.79
C17 DUX E . 15.70 1.10 7.83
C30 DUX E . 16.66 0.77 6.68
C31 DUX E . 16.76 -0.52 6.08
C32 DUX E . 17.64 -0.78 5.03
C33 DUX E . 18.46 0.24 4.56
C34 DUX E . 18.37 1.50 5.14
C35 DUX E . 17.48 1.77 6.18
C24 DUX E . 14.48 1.79 7.30
C25 DUX E . 14.26 2.03 5.93
C26 DUX E . 13.11 2.68 5.49
C27 DUX E . 12.13 3.09 6.40
C28 DUX E . 12.32 2.85 7.75
C29 DUX E . 13.48 2.20 8.20
C18 DUX E . 16.47 1.80 8.96
C19 DUX E . 17.16 1.06 9.93
C20 DUX E . 17.85 1.69 10.98
C21 DUX E . 17.88 3.09 11.06
C22 DUX E . 17.22 3.84 10.09
C23 DUX E . 16.51 3.20 9.07
F3' DUX F . -0.79 -4.60 -16.05
C3' DUX F . 0.21 -4.01 -15.33
C2' DUX F . 0.92 -5.09 -14.51
C1' DUX F . 2.34 -4.63 -14.53
N1 DUX F . 2.68 -3.87 -13.32
C2 DUX F . 4.03 -3.94 -12.94
N3 DUX F . 4.52 -3.28 -11.87
C4 DUX F . 3.70 -2.54 -11.09
C5 DUX F . 2.33 -2.46 -11.42
C6 DUX F . 1.84 -3.14 -12.56
O4 DUX F . 4.14 -1.92 -10.11
O2 DUX F . 4.74 -4.59 -13.67
O4' DUX F . 2.54 -3.76 -15.67
C4' DUX F . 1.27 -3.37 -16.20
C5' DUX F . 1.18 -1.86 -16.21
O5' DUX F . 2.22 -1.42 -17.09
C17 DUX F . 2.85 -0.17 -16.97
C30 DUX F . 1.99 0.93 -17.50
C31 DUX F . 0.98 0.67 -18.40
C32 DUX F . 0.23 1.74 -18.91
C33 DUX F . 0.42 3.04 -18.51
C34 DUX F . 1.40 3.28 -17.62
C35 DUX F . 2.19 2.25 -17.14
C24 DUX F . 3.31 0.04 -15.59
C25 DUX F . 2.55 0.82 -14.69
C26 DUX F . 3.02 1.01 -13.39
C27 DUX F . 4.19 0.39 -12.97
C28 DUX F . 4.94 -0.38 -13.86
C29 DUX F . 4.50 -0.59 -15.17
C18 DUX F . 4.03 -0.32 -17.90
C19 DUX F . 4.40 -1.58 -18.39
C20 DUX F . 5.48 -1.73 -19.25
C21 DUX F . 6.20 -0.62 -19.64
C22 DUX F . 5.85 0.65 -19.18
C23 DUX F . 4.78 0.80 -18.32
#